data_3OQQ
#
_entry.id   3OQQ
#
_cell.length_a   88.640
_cell.length_b   118.580
_cell.length_c   49.330
_cell.angle_alpha   90.00
_cell.angle_beta   110.41
_cell.angle_gamma   90.00
#
_symmetry.space_group_name_H-M   'C 1 2 1'
#
loop_
_entity.id
_entity.type
_entity.pdbx_description
1 polymer 'Putative lipoprotein'
2 non-polymer 'CALCIUM ION'
3 non-polymer 'ACETATE ION'
4 non-polymer 'TRIETHYLENE GLYCOL'
5 water water
#
_entity_poly.entity_id   1
_entity_poly.type   'polypeptide(L)'
_entity_poly.pdbx_seq_one_letter_code
;GNELEKGNDGSGTVDPVNASTLVNVYSDKSGSEASLLVGDVLVKDSRTLTLNVPAACEKVY(MSE)KYNTVSGTEATKEF
ALSPVSRGVDQSTGFNFETNRLASVTLALPEDAVQPTNETDQGYLFYHNTGVV(MSE)FEDGWPIQLDSWYDEDFNDVVF
EYDLKVTECHSQQ(MSE)(MSE)ETVGGKEELLLTLDVRAVGGIYPTVLGVVLDGLKSEYVDRITASLILKGGQGT
(MSE)TDLAKEELSTKNIVKVENKNWNWSNDTRKEPRFAILTVDKAQAEGTVITLDGLTSL(MSE)DNNQD(MSE)FQVT
QGKVREGLP(MSE)LRAEVRLIGKEGLTGAERDAQLAAFRELILDTNRQNFFIKVNGGKEIH(MSE)RGYAPTSAYKAEY
EALVAGDTTLDANVYYSNTKGSTWGVKLPVGTRHAYERVPFREAYPDFTKWVDSKGVSNQKWYENFVDEKTIRYW
;
_entity_poly.pdbx_strand_id   A
#
# COMPACT_ATOMS: atom_id res chain seq x y z
N ALA A 19 -21.24 -16.63 9.80
CA ALA A 19 -20.13 -16.25 8.91
C ALA A 19 -19.36 -17.47 8.31
N SER A 20 -19.74 -18.70 8.72
CA SER A 20 -19.08 -19.94 8.29
C SER A 20 -19.25 -20.25 6.78
N THR A 21 -20.22 -19.63 6.07
CA THR A 21 -20.35 -19.92 4.63
C THR A 21 -19.47 -19.03 3.79
N LEU A 22 -19.09 -17.86 4.32
CA LEU A 22 -18.29 -16.89 3.59
C LEU A 22 -16.90 -17.47 3.28
N VAL A 23 -16.34 -17.04 2.14
CA VAL A 23 -15.08 -17.60 1.67
C VAL A 23 -13.96 -16.53 1.62
N ASN A 24 -12.72 -17.00 1.57
CA ASN A 24 -11.55 -16.15 1.43
C ASN A 24 -10.82 -16.51 0.16
N VAL A 25 -10.39 -15.50 -0.62
CA VAL A 25 -9.69 -15.70 -1.89
C VAL A 25 -8.26 -15.18 -1.74
N TYR A 26 -7.26 -15.99 -2.10
CA TYR A 26 -5.82 -15.68 -1.98
C TYR A 26 -5.11 -15.78 -3.33
N SER A 27 -4.02 -15.04 -3.51
CA SER A 27 -3.22 -15.12 -4.76
C SER A 27 -2.18 -16.27 -4.65
N ASP A 28 -2.07 -16.91 -3.46
CA ASP A 28 -1.12 -17.99 -3.17
C ASP A 28 -1.80 -19.19 -2.51
N LYS A 29 -1.31 -20.43 -2.78
CA LYS A 29 -1.74 -21.70 -2.18
CA LYS A 29 -1.82 -21.67 -2.19
C LYS A 29 -1.74 -21.58 -0.65
N SER A 30 -0.74 -20.85 -0.12
CA SER A 30 -0.64 -20.62 1.31
C SER A 30 -1.75 -19.62 1.69
N GLY A 31 -2.60 -19.95 2.65
CA GLY A 31 -3.66 -19.03 3.01
C GLY A 31 -3.15 -17.88 3.88
N SER A 32 -1.98 -17.29 3.51
CA SER A 32 -1.35 -16.18 4.24
C SER A 32 -2.20 -14.93 4.16
N GLU A 33 -2.21 -14.14 5.24
CA GLU A 33 -2.94 -12.89 5.31
C GLU A 33 -2.47 -11.93 4.21
N ALA A 34 -1.15 -11.87 3.97
CA ALA A 34 -0.54 -11.01 2.96
C ALA A 34 -1.11 -11.33 1.55
N SER A 35 -1.37 -12.62 1.27
CA SER A 35 -1.83 -13.06 -0.05
C SER A 35 -3.37 -12.97 -0.20
N LEU A 36 -4.12 -12.64 0.88
CA LEU A 36 -5.58 -12.47 0.78
C LEU A 36 -5.89 -11.29 -0.14
N LEU A 37 -6.77 -11.52 -1.10
CA LEU A 37 -7.22 -10.53 -2.09
C LEU A 37 -8.60 -9.99 -1.70
N VAL A 38 -9.51 -10.90 -1.30
CA VAL A 38 -10.87 -10.55 -0.91
C VAL A 38 -11.28 -11.56 0.19
N GLY A 39 -11.81 -11.03 1.30
CA GLY A 39 -12.22 -11.80 2.45
C GLY A 39 -13.70 -11.75 2.72
N ASP A 40 -14.20 -12.77 3.46
CA ASP A 40 -15.60 -12.96 3.91
C ASP A 40 -16.63 -12.68 2.78
N VAL A 41 -16.43 -13.37 1.64
CA VAL A 41 -17.24 -13.27 0.42
C VAL A 41 -18.38 -14.26 0.43
N LEU A 42 -19.60 -13.79 0.20
CA LEU A 42 -20.76 -14.66 0.09
C LEU A 42 -20.86 -15.15 -1.35
N VAL A 43 -20.92 -16.47 -1.56
CA VAL A 43 -21.06 -17.05 -2.88
C VAL A 43 -22.36 -17.82 -2.92
N LYS A 44 -23.40 -17.19 -3.47
CA LYS A 44 -24.73 -17.79 -3.64
C LYS A 44 -24.80 -18.14 -5.12
N ASP A 45 -24.72 -19.45 -5.42
CA ASP A 45 -24.69 -20.07 -6.75
C ASP A 45 -23.31 -19.76 -7.37
N SER A 46 -23.17 -18.57 -8.00
CA SER A 46 -21.89 -18.14 -8.56
C SER A 46 -21.68 -16.64 -8.35
N ARG A 47 -20.43 -16.17 -8.33
CA ARG A 47 -20.14 -14.75 -8.12
C ARG A 47 -18.87 -14.35 -8.85
N THR A 48 -18.97 -13.34 -9.73
CA THR A 48 -17.87 -12.79 -10.51
C THR A 48 -17.35 -11.53 -9.80
N LEU A 49 -16.04 -11.49 -9.56
CA LEU A 49 -15.35 -10.39 -8.88
C LEU A 49 -14.15 -9.92 -9.63
N THR A 50 -13.94 -8.62 -9.63
CA THR A 50 -12.73 -8.02 -10.19
C THR A 50 -11.75 -7.93 -9.02
N LEU A 51 -10.52 -8.38 -9.25
CA LEU A 51 -9.50 -8.38 -8.22
C LEU A 51 -8.21 -7.72 -8.72
N ASN A 52 -7.48 -7.12 -7.79
CA ASN A 52 -6.16 -6.53 -8.08
C ASN A 52 -5.15 -7.59 -7.64
N VAL A 53 -4.57 -8.29 -8.60
CA VAL A 53 -3.70 -9.44 -8.33
C VAL A 53 -2.24 -9.21 -8.78
N PRO A 54 -1.23 -10.00 -8.29
CA PRO A 54 0.14 -9.89 -8.84
C PRO A 54 0.15 -10.10 -10.36
N ALA A 55 0.96 -9.32 -11.10
CA ALA A 55 0.96 -9.36 -12.57
C ALA A 55 1.14 -10.77 -13.14
N ALA A 56 2.04 -11.59 -12.55
CA ALA A 56 2.35 -12.97 -13.00
C ALA A 56 1.25 -14.00 -12.64
N CYS A 57 0.30 -13.63 -11.77
CA CYS A 57 -0.75 -14.49 -11.24
C CYS A 57 -1.72 -14.94 -12.31
N GLU A 58 -1.91 -16.27 -12.41
CA GLU A 58 -2.82 -16.87 -13.37
C GLU A 58 -3.98 -17.61 -12.71
N LYS A 59 -3.86 -17.93 -11.42
CA LYS A 59 -4.93 -18.62 -10.68
C LYS A 59 -5.06 -18.12 -9.24
N VAL A 60 -6.26 -18.22 -8.68
CA VAL A 60 -6.49 -17.81 -7.29
C VAL A 60 -7.04 -19.02 -6.51
N TYR A 61 -6.95 -18.94 -5.19
CA TYR A 61 -7.31 -20.01 -4.29
C TYR A 61 -8.36 -19.57 -3.31
N LYS A 63 -10.39 -20.44 -0.10
CA LYS A 63 -10.44 -21.28 1.10
C LYS A 63 -11.86 -21.24 1.63
N TYR A 64 -12.41 -22.42 1.96
CA TYR A 64 -13.78 -22.48 2.44
C TYR A 64 -13.96 -23.53 3.54
N ASN A 65 -15.00 -23.34 4.36
CA ASN A 65 -15.39 -24.23 5.44
C ASN A 65 -16.23 -25.34 4.87
N THR A 66 -15.87 -26.58 5.23
CA THR A 66 -16.61 -27.75 4.77
C THR A 66 -17.69 -28.10 5.73
N VAL A 67 -18.62 -28.92 5.26
CA VAL A 67 -19.76 -29.42 6.01
CA VAL A 67 -19.76 -29.44 6.02
C VAL A 67 -19.30 -30.29 7.22
N SER A 68 -18.03 -30.77 7.19
CA SER A 68 -17.46 -31.60 8.26
C SER A 68 -16.72 -30.75 9.33
N GLY A 69 -16.47 -29.47 9.05
CA GLY A 69 -15.78 -28.60 9.99
C GLY A 69 -14.31 -28.38 9.69
N THR A 70 -13.86 -28.83 8.51
CA THR A 70 -12.48 -28.66 8.10
C THR A 70 -12.41 -27.48 7.09
N GLU A 71 -11.23 -27.08 6.71
CA GLU A 71 -11.10 -26.04 5.72
C GLU A 71 -10.52 -26.63 4.45
N ALA A 72 -11.11 -26.26 3.32
CA ALA A 72 -10.69 -26.77 2.04
C ALA A 72 -10.32 -25.65 1.13
N THR A 73 -9.59 -25.97 0.07
CA THR A 73 -9.18 -25.00 -0.93
C THR A 73 -9.64 -25.43 -2.30
N LYS A 74 -10.13 -24.48 -3.10
CA LYS A 74 -10.47 -24.72 -4.50
C LYS A 74 -9.74 -23.69 -5.36
N GLU A 75 -9.08 -24.18 -6.41
CA GLU A 75 -8.32 -23.38 -7.36
C GLU A 75 -9.26 -22.83 -8.45
N PHE A 76 -9.08 -21.55 -8.79
CA PHE A 76 -9.86 -20.87 -9.82
C PHE A 76 -8.96 -20.14 -10.79
N ALA A 77 -9.23 -20.31 -12.09
CA ALA A 77 -8.49 -19.65 -13.15
C ALA A 77 -8.91 -18.19 -13.23
N LEU A 78 -7.98 -17.30 -13.57
CA LEU A 78 -8.28 -15.88 -13.73
C LEU A 78 -8.55 -15.54 -15.20
N SER A 79 -9.44 -14.57 -15.42
CA SER A 79 -9.78 -14.05 -16.76
C SER A 79 -9.31 -12.58 -16.88
N PRO A 80 -8.92 -12.10 -18.08
CA PRO A 80 -8.48 -10.70 -18.21
C PRO A 80 -9.65 -9.72 -18.07
N VAL A 81 -9.38 -8.52 -17.51
CA VAL A 81 -10.35 -7.44 -17.35
C VAL A 81 -9.98 -6.33 -18.35
N SER A 82 -10.94 -5.93 -19.21
CA SER A 82 -10.76 -4.87 -20.22
C SER A 82 -12.04 -4.04 -20.36
N THR A 89 -1.58 4.22 -21.48
CA THR A 89 -2.04 2.83 -21.49
C THR A 89 -0.85 1.86 -21.75
N GLY A 90 0.35 2.29 -21.37
CA GLY A 90 1.59 1.51 -21.51
C GLY A 90 2.20 1.08 -20.18
N PHE A 91 3.36 0.42 -20.23
CA PHE A 91 4.01 -0.06 -19.00
C PHE A 91 4.41 1.09 -18.08
N ASN A 92 4.15 0.94 -16.78
CA ASN A 92 4.50 1.98 -15.81
C ASN A 92 4.93 1.37 -14.46
N PHE A 93 5.79 0.34 -14.50
CA PHE A 93 6.38 -0.37 -13.35
C PHE A 93 5.35 -1.06 -12.42
N GLU A 94 4.16 -1.40 -12.91
CA GLU A 94 3.12 -2.10 -12.14
C GLU A 94 3.56 -3.54 -11.88
N THR A 95 3.46 -4.03 -10.64
CA THR A 95 3.75 -5.44 -10.32
C THR A 95 2.42 -6.15 -10.12
N ASN A 96 1.32 -5.47 -10.45
CA ASN A 96 -0.03 -5.99 -10.33
C ASN A 96 -0.78 -5.81 -11.64
N ARG A 97 -2.01 -6.36 -11.72
CA ARG A 97 -2.90 -6.26 -12.87
C ARG A 97 -4.35 -6.51 -12.40
N LEU A 98 -5.33 -6.10 -13.21
CA LEU A 98 -6.74 -6.37 -12.96
C LEU A 98 -7.11 -7.71 -13.56
N ALA A 99 -7.86 -8.50 -12.80
CA ALA A 99 -8.31 -9.80 -13.28
C ALA A 99 -9.68 -10.09 -12.74
N SER A 100 -10.35 -11.07 -13.33
CA SER A 100 -11.69 -11.47 -12.97
C SER A 100 -11.71 -12.94 -12.63
N VAL A 101 -12.58 -13.30 -11.66
CA VAL A 101 -12.75 -14.66 -11.19
C VAL A 101 -14.24 -14.92 -11.00
N THR A 102 -14.69 -16.12 -11.32
CA THR A 102 -16.08 -16.51 -11.10
C THR A 102 -16.02 -17.60 -10.06
N LEU A 103 -16.45 -17.27 -8.85
CA LEU A 103 -16.45 -18.21 -7.74
C LEU A 103 -17.71 -19.08 -7.79
N ALA A 104 -17.58 -20.31 -7.29
CA ALA A 104 -18.66 -21.27 -7.16
C ALA A 104 -18.36 -22.12 -5.95
N LEU A 105 -19.40 -22.43 -5.18
CA LEU A 105 -19.28 -23.22 -3.97
C LEU A 105 -19.36 -24.73 -4.25
N PRO A 106 -18.29 -25.50 -3.90
CA PRO A 106 -18.34 -26.97 -4.05
C PRO A 106 -19.47 -27.55 -3.19
N GLU A 107 -19.92 -28.75 -3.51
CA GLU A 107 -21.05 -29.39 -2.82
C GLU A 107 -20.77 -29.76 -1.35
N ASP A 108 -19.50 -29.87 -0.94
CA ASP A 108 -19.12 -30.17 0.43
C ASP A 108 -18.89 -28.88 1.28
N ALA A 109 -19.23 -27.70 0.73
CA ALA A 109 -19.04 -26.44 1.44
C ALA A 109 -20.17 -26.15 2.40
N VAL A 110 -19.91 -25.26 3.41
CA VAL A 110 -20.98 -24.76 4.28
C VAL A 110 -21.90 -23.92 3.37
N GLN A 111 -23.15 -24.36 3.22
CA GLN A 111 -24.12 -23.71 2.33
C GLN A 111 -24.66 -22.42 2.95
N PRO A 112 -24.78 -21.33 2.15
CA PRO A 112 -25.24 -20.07 2.72
C PRO A 112 -26.71 -20.04 3.07
N THR A 113 -26.98 -19.45 4.25
CA THR A 113 -28.28 -19.10 4.84
C THR A 113 -28.02 -17.86 5.65
N ASN A 114 -29.08 -17.17 6.11
CA ASN A 114 -28.88 -15.97 6.92
C ASN A 114 -28.25 -16.32 8.31
N GLU A 115 -28.24 -17.63 8.67
CA GLU A 115 -27.65 -18.18 9.87
C GLU A 115 -26.11 -18.29 9.74
N THR A 116 -25.58 -18.46 8.48
CA THR A 116 -24.16 -18.68 8.18
C THR A 116 -23.45 -17.60 7.31
N ASP A 117 -24.16 -16.54 6.87
CA ASP A 117 -23.56 -15.51 5.99
C ASP A 117 -23.31 -14.15 6.69
N GLN A 118 -23.34 -14.11 8.02
CA GLN A 118 -23.22 -12.84 8.75
C GLN A 118 -21.77 -12.33 8.78
N GLY A 119 -21.38 -11.60 7.74
CA GLY A 119 -20.05 -11.05 7.61
C GLY A 119 -19.95 -10.06 6.47
N TYR A 120 -19.05 -9.09 6.62
CA TYR A 120 -18.82 -8.03 5.64
C TYR A 120 -17.73 -8.40 4.67
N LEU A 121 -18.00 -8.23 3.38
CA LEU A 121 -17.00 -8.48 2.36
C LEU A 121 -15.91 -7.39 2.49
N PHE A 122 -14.64 -7.77 2.34
CA PHE A 122 -13.57 -6.79 2.39
C PHE A 122 -12.54 -7.10 1.33
N TYR A 123 -12.07 -6.04 0.64
CA TYR A 123 -11.02 -6.12 -0.35
C TYR A 123 -9.69 -5.88 0.36
N HIS A 124 -8.61 -6.48 -0.14
CA HIS A 124 -7.33 -6.32 0.52
C HIS A 124 -6.21 -6.13 -0.48
N ASN A 125 -5.38 -5.08 -0.27
CA ASN A 125 -4.19 -4.83 -1.10
C ASN A 125 -3.02 -4.41 -0.21
N THR A 126 -1.86 -5.04 -0.38
CA THR A 126 -0.66 -4.76 0.42
C THR A 126 0.57 -4.78 -0.51
N GLY A 127 1.62 -4.08 -0.11
CA GLY A 127 2.87 -4.02 -0.85
C GLY A 127 3.92 -3.27 -0.08
N VAL A 128 5.07 -3.08 -0.70
CA VAL A 128 6.17 -2.32 -0.12
C VAL A 128 6.52 -1.23 -1.09
N VAL A 129 6.66 -0.01 -0.58
CA VAL A 129 6.99 1.13 -1.41
C VAL A 129 8.44 1.46 -1.17
N PHE A 131 11.42 4.21 -2.32
CA PHE A 131 11.69 5.49 -2.97
C PHE A 131 13.14 5.86 -2.96
N GLU A 132 13.53 6.63 -4.00
CA GLU A 132 14.78 7.36 -4.18
C GLU A 132 14.47 8.80 -3.76
N ASP A 133 15.39 9.47 -3.07
CA ASP A 133 15.14 10.80 -2.54
C ASP A 133 15.77 11.95 -3.33
N GLY A 134 16.42 11.64 -4.44
CA GLY A 134 17.20 12.61 -5.19
C GLY A 134 16.53 13.42 -6.27
N TRP A 135 15.26 13.09 -6.63
CA TRP A 135 14.51 13.82 -7.67
C TRP A 135 14.72 15.34 -7.53
N PRO A 136 15.07 16.11 -8.61
CA PRO A 136 15.14 15.73 -10.02
C PRO A 136 16.48 15.15 -10.48
N ILE A 137 17.39 14.76 -9.55
CA ILE A 137 18.68 14.18 -9.88
C ILE A 137 18.61 12.65 -9.80
N GLN A 138 19.25 11.97 -10.77
CA GLN A 138 19.30 10.51 -10.87
C GLN A 138 20.45 10.06 -11.74
N LEU A 139 21.01 8.87 -11.46
CA LEU A 139 22.04 8.31 -12.33
C LEU A 139 21.43 8.00 -13.70
N ASP A 140 22.20 8.11 -14.82
CA ASP A 140 21.70 7.72 -16.15
C ASP A 140 21.16 6.30 -16.07
N SER A 141 21.95 5.39 -15.43
CA SER A 141 21.46 4.02 -15.16
C SER A 141 20.75 4.14 -13.83
N TRP A 142 19.50 4.64 -13.89
CA TRP A 142 18.71 4.95 -12.70
C TRP A 142 18.55 3.75 -11.76
N TYR A 143 18.64 2.52 -12.27
CA TYR A 143 18.50 1.33 -11.42
C TYR A 143 19.85 0.95 -10.75
N ASP A 144 20.85 1.85 -10.83
CA ASP A 144 22.13 1.76 -10.14
C ASP A 144 21.99 2.48 -8.77
N GLU A 145 20.84 3.18 -8.57
CA GLU A 145 20.47 3.78 -7.28
C GLU A 145 20.11 2.65 -6.35
N ASP A 146 20.14 2.86 -5.01
CA ASP A 146 19.86 1.77 -4.08
C ASP A 146 18.35 1.56 -3.76
N PHE A 147 17.49 2.55 -4.05
CA PHE A 147 16.03 2.50 -3.83
C PHE A 147 15.66 2.11 -2.39
N ASN A 148 16.41 2.60 -1.41
CA ASN A 148 16.05 2.29 -0.01
C ASN A 148 15.94 3.57 0.82
N ASP A 149 15.94 4.74 0.14
CA ASP A 149 15.92 6.06 0.80
C ASP A 149 14.74 6.21 1.73
N VAL A 150 13.58 5.64 1.33
CA VAL A 150 12.39 5.50 2.16
C VAL A 150 11.80 4.15 1.77
N VAL A 151 11.68 3.26 2.76
CA VAL A 151 11.12 1.93 2.47
C VAL A 151 9.98 1.78 3.45
N PHE A 152 8.77 1.64 2.92
CA PHE A 152 7.64 1.43 3.81
C PHE A 152 6.68 0.44 3.27
N GLU A 153 6.12 -0.36 4.16
CA GLU A 153 5.08 -1.32 3.82
C GLU A 153 3.73 -0.71 3.99
N TYR A 154 2.79 -1.11 3.18
CA TYR A 154 1.46 -0.59 3.36
C TYR A 154 0.48 -1.72 3.32
N ASP A 155 -0.70 -1.46 3.88
CA ASP A 155 -1.80 -2.42 3.89
C ASP A 155 -3.08 -1.66 3.81
N LEU A 156 -3.88 -1.97 2.81
CA LEU A 156 -5.19 -1.35 2.60
CA LEU A 156 -5.17 -1.34 2.60
C LEU A 156 -6.28 -2.42 2.61
N LYS A 157 -7.35 -2.18 3.39
CA LYS A 157 -8.54 -3.01 3.52
C LYS A 157 -9.76 -2.12 3.38
N VAL A 158 -10.63 -2.44 2.43
CA VAL A 158 -11.87 -1.71 2.20
C VAL A 158 -12.98 -2.69 2.52
N THR A 159 -13.72 -2.43 3.60
CA THR A 159 -14.81 -3.27 4.08
C THR A 159 -16.14 -2.67 3.67
N GLU A 160 -17.04 -3.52 3.15
CA GLU A 160 -18.38 -3.08 2.79
C GLU A 160 -19.30 -3.40 3.96
N CYS A 161 -19.49 -2.42 4.88
CA CYS A 161 -20.34 -2.55 6.07
C CYS A 161 -21.81 -2.46 5.64
N HIS A 162 -22.26 -3.49 4.92
CA HIS A 162 -23.59 -3.63 4.36
C HIS A 162 -24.33 -4.71 5.12
N SER A 163 -25.65 -4.57 5.29
CA SER A 163 -26.45 -5.58 6.01
C SER A 163 -26.48 -6.95 5.27
N GLN A 164 -26.31 -6.94 3.93
CA GLN A 164 -26.34 -8.11 3.06
C GLN A 164 -25.48 -7.87 1.81
N GLN A 165 -24.77 -8.92 1.38
CA GLN A 165 -23.94 -8.87 0.18
C GLN A 165 -24.78 -9.07 -1.09
N GLU A 168 -28.33 -4.66 -5.59
CA GLU A 168 -28.38 -3.84 -6.81
C GLU A 168 -27.95 -2.40 -6.45
N THR A 169 -28.60 -1.85 -5.39
CA THR A 169 -28.38 -0.55 -4.76
C THR A 169 -28.13 -0.83 -3.27
N VAL A 170 -27.24 -0.08 -2.61
CA VAL A 170 -27.00 -0.47 -1.22
C VAL A 170 -26.99 0.73 -0.24
N GLY A 171 -27.38 0.43 0.99
CA GLY A 171 -27.36 1.36 2.12
C GLY A 171 -26.05 1.16 2.86
N GLY A 172 -26.13 1.12 4.19
CA GLY A 172 -24.97 0.93 5.07
C GLY A 172 -23.84 1.90 4.79
N LYS A 173 -22.59 1.41 4.86
CA LYS A 173 -21.41 2.24 4.60
C LYS A 173 -20.20 1.41 4.28
N GLU A 174 -19.10 2.08 3.88
CA GLU A 174 -17.79 1.50 3.62
C GLU A 174 -16.84 2.02 4.64
N GLU A 175 -15.82 1.23 4.90
CA GLU A 175 -14.72 1.56 5.78
C GLU A 175 -13.47 1.29 5.06
N LEU A 176 -12.45 2.05 5.38
CA LEU A 176 -11.12 1.91 4.84
C LEU A 176 -10.18 1.85 6.02
N LEU A 177 -9.34 0.81 6.05
CA LEU A 177 -8.30 0.69 7.05
C LEU A 177 -6.95 0.66 6.31
N LEU A 178 -6.12 1.69 6.56
CA LEU A 178 -4.78 1.81 6.00
C LEU A 178 -3.71 1.77 7.07
N THR A 179 -2.67 0.94 6.85
CA THR A 179 -1.49 0.99 7.70
C THR A 179 -0.35 1.36 6.81
N LEU A 180 0.57 2.15 7.35
CA LEU A 180 1.83 2.56 6.73
C LEU A 180 2.91 2.27 7.75
N ASP A 181 3.81 1.32 7.43
CA ASP A 181 4.86 0.87 8.35
C ASP A 181 6.22 1.19 7.82
N VAL A 182 7.01 1.98 8.58
CA VAL A 182 8.37 2.37 8.18
C VAL A 182 9.32 1.20 8.35
N ARG A 183 9.87 0.71 7.24
CA ARG A 183 10.81 -0.38 7.29
C ARG A 183 12.24 0.16 7.34
N ALA A 184 12.56 1.21 6.55
CA ALA A 184 13.91 1.76 6.52
C ALA A 184 13.91 3.18 5.97
N VAL A 185 14.98 3.94 6.30
CA VAL A 185 15.21 5.29 5.78
C VAL A 185 16.71 5.34 5.39
N GLY A 186 16.99 5.01 4.12
CA GLY A 186 18.36 4.99 3.60
C GLY A 186 18.80 6.33 3.05
N GLY A 187 18.41 7.40 3.71
CA GLY A 187 18.78 8.74 3.25
C GLY A 187 18.91 9.65 4.44
N ILE A 188 19.71 10.73 4.26
CA ILE A 188 19.98 11.72 5.30
CA ILE A 188 20.00 11.77 5.25
C ILE A 188 18.83 12.73 5.37
N TYR A 189 18.30 13.13 4.21
CA TYR A 189 17.29 14.16 4.10
C TYR A 189 15.80 13.73 4.04
N PRO A 190 15.36 12.46 3.85
CA PRO A 190 13.90 12.19 3.87
C PRO A 190 13.27 12.56 5.22
N THR A 191 12.08 13.17 5.20
CA THR A 191 11.42 13.63 6.41
C THR A 191 10.00 13.08 6.53
N VAL A 192 9.31 12.89 5.39
CA VAL A 192 7.90 12.49 5.37
C VAL A 192 7.67 11.38 4.34
N LEU A 193 6.69 10.51 4.63
CA LEU A 193 6.11 9.53 3.70
C LEU A 193 4.60 9.79 3.74
N GLY A 194 3.92 9.45 2.67
CA GLY A 194 2.47 9.67 2.65
C GLY A 194 1.78 9.03 1.48
N VAL A 195 0.48 9.29 1.38
CA VAL A 195 -0.32 8.74 0.30
C VAL A 195 -1.49 9.68 0.07
N VAL A 196 -1.87 9.81 -1.17
CA VAL A 196 -3.08 10.46 -1.58
C VAL A 196 -4.03 9.32 -1.94
N LEU A 197 -5.20 9.27 -1.29
CA LEU A 197 -6.24 8.30 -1.63
C LEU A 197 -7.08 9.01 -2.66
N ASP A 198 -6.61 8.92 -3.90
CA ASP A 198 -7.15 9.62 -5.06
C ASP A 198 -8.65 9.32 -5.27
N GLY A 199 -9.43 10.40 -5.35
CA GLY A 199 -10.88 10.28 -5.53
C GLY A 199 -11.66 10.06 -4.24
N LEU A 200 -10.96 9.78 -3.10
CA LEU A 200 -11.70 9.60 -1.85
C LEU A 200 -12.00 10.99 -1.26
N LYS A 201 -13.05 11.64 -1.79
CA LYS A 201 -13.46 13.00 -1.42
C LYS A 201 -14.04 13.08 -0.01
N SER A 202 -13.99 14.29 0.59
CA SER A 202 -14.48 14.55 1.96
C SER A 202 -15.99 14.21 2.09
N GLU A 203 -16.76 14.44 1.02
CA GLU A 203 -18.19 14.15 0.90
C GLU A 203 -18.48 12.67 1.17
N TYR A 204 -17.47 11.80 0.97
CA TYR A 204 -17.61 10.36 1.17
C TYR A 204 -17.13 9.88 2.53
N VAL A 205 -16.39 10.73 3.27
CA VAL A 205 -15.77 10.36 4.54
C VAL A 205 -16.42 11.11 5.70
N ASP A 206 -16.98 10.35 6.63
CA ASP A 206 -17.69 10.88 7.80
C ASP A 206 -16.70 11.08 8.94
N ARG A 207 -16.01 10.00 9.36
CA ARG A 207 -15.08 9.99 10.49
C ARG A 207 -13.71 9.54 10.11
N ILE A 208 -12.73 10.06 10.85
CA ILE A 208 -11.32 9.67 10.75
C ILE A 208 -10.85 9.16 12.11
N THR A 209 -10.18 8.00 12.13
CA THR A 209 -9.48 7.52 13.32
C THR A 209 -8.04 7.45 12.89
N ALA A 210 -7.13 8.14 13.61
CA ALA A 210 -5.72 8.13 13.22
C ALA A 210 -4.88 7.76 14.43
N SER A 211 -3.94 6.81 14.25
CA SER A 211 -3.04 6.30 15.30
C SER A 211 -1.60 6.20 14.86
N LEU A 212 -0.72 6.50 15.80
CA LEU A 212 0.73 6.31 15.71
C LEU A 212 1.02 5.16 16.61
N ILE A 213 1.69 4.13 16.10
CA ILE A 213 1.88 2.85 16.79
C ILE A 213 3.27 2.31 16.54
N LEU A 214 3.83 1.55 17.49
CA LEU A 214 5.06 0.76 17.35
C LEU A 214 4.61 -0.68 17.14
N LYS A 215 4.84 -1.19 15.91
CA LYS A 215 4.39 -2.51 15.48
C LYS A 215 5.45 -3.60 15.77
N GLY A 216 5.24 -4.37 16.83
CA GLY A 216 6.11 -5.47 17.23
C GLY A 216 6.02 -6.62 16.25
N GLY A 217 7.16 -7.26 16.03
CA GLY A 217 7.31 -8.38 15.10
C GLY A 217 6.44 -9.60 15.34
N GLN A 218 5.97 -9.79 16.60
CA GLN A 218 5.14 -10.93 16.97
C GLN A 218 3.70 -10.52 17.38
N GLY A 219 3.15 -9.53 16.67
CA GLY A 219 1.76 -9.05 16.86
C GLY A 219 1.46 -8.05 17.96
N THR A 220 2.47 -7.69 18.78
CA THR A 220 2.27 -6.73 19.87
C THR A 220 2.27 -5.29 19.31
N THR A 222 2.14 -1.11 20.19
CA THR A 222 2.28 -0.08 21.23
C THR A 222 1.76 1.25 20.70
N ASP A 223 0.69 1.77 21.29
CA ASP A 223 0.13 3.06 20.87
C ASP A 223 1.01 4.23 21.32
N LEU A 224 1.33 5.17 20.37
CA LEU A 224 2.11 6.39 20.65
C LEU A 224 1.21 7.63 20.72
N ALA A 225 0.06 7.59 20.02
CA ALA A 225 -0.95 8.65 19.88
C ALA A 225 -2.14 8.11 19.15
N LYS A 226 -3.31 8.67 19.40
CA LYS A 226 -4.55 8.25 18.75
C LYS A 226 -5.59 9.30 18.95
N GLU A 227 -6.38 9.52 17.90
CA GLU A 227 -7.57 10.35 17.87
C GLU A 227 -8.63 9.50 17.20
N GLU A 228 -9.76 9.31 17.87
CA GLU A 228 -10.82 8.42 17.40
C GLU A 228 -12.07 9.12 16.87
N LEU A 229 -12.62 8.59 15.77
CA LEU A 229 -13.90 8.96 15.15
C LEU A 229 -14.11 10.48 15.02
N SER A 230 -13.08 11.18 14.54
CA SER A 230 -13.12 12.63 14.41
C SER A 230 -13.93 13.06 13.18
N THR A 231 -14.67 14.15 13.31
CA THR A 231 -15.46 14.74 12.23
C THR A 231 -14.70 15.88 11.56
N LYS A 232 -13.47 16.16 12.04
CA LYS A 232 -12.60 17.22 11.52
C LYS A 232 -12.17 16.95 10.07
N ASN A 233 -11.91 18.02 9.31
CA ASN A 233 -11.34 17.97 7.96
C ASN A 233 -9.88 17.51 8.04
N ILE A 234 -9.16 18.04 9.04
CA ILE A 234 -7.76 17.70 9.30
C ILE A 234 -7.64 17.15 10.71
N VAL A 235 -7.14 15.93 10.79
CA VAL A 235 -6.87 15.21 12.02
C VAL A 235 -5.36 15.11 12.07
N LYS A 236 -4.75 15.68 13.10
CA LYS A 236 -3.30 15.60 13.31
C LYS A 236 -3.06 14.92 14.64
N VAL A 237 -2.33 13.78 14.63
CA VAL A 237 -1.97 13.09 15.88
C VAL A 237 -0.43 13.03 15.93
N GLU A 238 0.13 13.30 17.11
CA GLU A 238 1.58 13.32 17.23
C GLU A 238 2.08 12.89 18.60
N ASN A 239 3.30 12.34 18.60
CA ASN A 239 4.03 12.04 19.81
C ASN A 239 5.44 12.48 19.50
N LYS A 240 5.86 13.58 20.12
CA LYS A 240 7.17 14.18 19.87
C LYS A 240 8.19 13.85 20.97
N ASN A 241 7.95 12.79 21.74
CA ASN A 241 8.85 12.46 22.83
C ASN A 241 8.90 10.95 23.08
N TRP A 242 8.95 10.14 22.02
CA TRP A 242 8.94 8.69 22.18
C TRP A 242 10.30 8.07 21.90
N ASN A 243 10.47 6.85 22.42
CA ASN A 243 11.64 6.03 22.21
C ASN A 243 11.23 4.60 22.18
N TRP A 244 12.01 3.77 21.46
CA TRP A 244 11.79 2.33 21.48
C TRP A 244 12.20 1.86 22.87
N SER A 245 11.66 0.74 23.35
CA SER A 245 12.13 0.14 24.59
C SER A 245 13.60 -0.22 24.37
N ASN A 246 14.47 0.01 25.35
CA ASN A 246 15.91 -0.27 25.27
C ASN A 246 16.49 0.30 23.94
N ASP A 247 16.19 1.59 23.70
CA ASP A 247 16.59 2.36 22.52
C ASP A 247 18.08 2.62 22.52
N THR A 248 18.66 2.73 21.31
CA THR A 248 20.08 2.92 21.09
C THR A 248 20.53 4.39 21.34
N ARG A 249 19.59 5.30 21.62
CA ARG A 249 19.90 6.69 21.93
C ARG A 249 18.99 7.17 23.06
N LYS A 250 19.45 8.19 23.80
CA LYS A 250 18.69 8.80 24.89
C LYS A 250 17.80 9.93 24.38
N GLU A 251 18.17 10.53 23.21
CA GLU A 251 17.42 11.63 22.60
C GLU A 251 16.04 11.14 22.16
N PRO A 252 14.95 11.90 22.46
CA PRO A 252 13.62 11.44 22.04
C PRO A 252 13.42 11.51 20.52
N ARG A 253 12.44 10.75 20.03
CA ARG A 253 12.12 10.72 18.62
C ARG A 253 10.74 11.31 18.46
N PHE A 254 10.31 11.58 17.20
CA PHE A 254 8.98 12.15 16.97
C PHE A 254 8.28 11.54 15.76
N ALA A 255 6.95 11.57 15.80
CA ALA A 255 6.13 11.12 14.66
C ALA A 255 4.90 11.98 14.63
N ILE A 256 4.50 12.43 13.44
CA ILE A 256 3.30 13.28 13.25
C ILE A 256 2.47 12.69 12.11
N LEU A 257 1.23 12.28 12.42
CA LEU A 257 0.33 11.71 11.42
C LEU A 257 -0.80 12.70 11.15
N THR A 258 -0.87 13.17 9.90
CA THR A 258 -1.89 14.11 9.48
C THR A 258 -2.79 13.43 8.48
N VAL A 259 -4.10 13.52 8.70
CA VAL A 259 -5.09 13.02 7.76
C VAL A 259 -5.92 14.24 7.31
N ASP A 260 -5.86 14.59 6.02
CA ASP A 260 -6.61 15.72 5.46
C ASP A 260 -7.59 15.19 4.43
N LYS A 261 -8.89 15.08 4.81
CA LYS A 261 -9.90 14.53 3.92
C LYS A 261 -10.43 15.59 2.95
N ALA A 262 -10.07 16.86 3.15
CA ALA A 262 -10.67 17.97 2.42
C ALA A 262 -9.88 18.48 1.17
N GLN A 263 -8.86 17.78 0.74
CA GLN A 263 -8.11 18.20 -0.45
C GLN A 263 -8.88 17.83 -1.72
N ALA A 264 -8.74 18.61 -2.80
CA ALA A 264 -9.44 18.35 -4.07
C ALA A 264 -9.19 16.93 -4.64
N GLU A 265 -7.94 16.44 -4.60
CA GLU A 265 -7.51 15.14 -5.16
C GLU A 265 -7.94 13.93 -4.33
N GLY A 266 -8.41 14.17 -3.11
CA GLY A 266 -8.82 13.09 -2.23
C GLY A 266 -8.22 13.27 -0.85
N THR A 267 -8.20 12.19 -0.03
CA THR A 267 -7.65 12.22 1.34
C THR A 267 -6.11 12.22 1.30
N VAL A 268 -5.48 13.20 1.95
CA VAL A 268 -4.00 13.25 1.93
C VAL A 268 -3.47 12.85 3.33
N ILE A 269 -2.70 11.76 3.39
CA ILE A 269 -2.18 11.18 4.62
C ILE A 269 -0.66 11.34 4.65
N THR A 270 -0.13 11.94 5.74
CA THR A 270 1.33 12.06 5.85
C THR A 270 1.83 11.57 7.23
N LEU A 271 2.97 10.87 7.22
CA LEU A 271 3.69 10.42 8.37
C LEU A 271 5.02 11.16 8.39
N ASP A 272 5.14 12.13 9.29
CA ASP A 272 6.32 12.99 9.45
C ASP A 272 7.14 12.44 10.63
N GLY A 273 8.44 12.76 10.69
CA GLY A 273 9.30 12.26 11.77
C GLY A 273 10.35 11.24 11.39
N LEU A 274 10.41 10.90 10.07
CA LEU A 274 11.35 9.93 9.53
C LEU A 274 12.80 10.26 9.86
N THR A 275 13.15 11.56 9.91
CA THR A 275 14.52 12.00 10.23
C THR A 275 14.97 11.56 11.67
N SER A 276 14.00 11.33 12.58
CA SER A 276 14.30 11.02 13.99
C SER A 276 14.52 9.53 14.23
N LEU A 277 14.36 8.67 13.18
CA LEU A 277 14.46 7.21 13.33
C LEU A 277 15.89 6.70 13.36
N ASP A 279 20.09 7.04 14.13
CA ASP A 279 20.87 7.48 15.28
C ASP A 279 21.94 8.46 14.85
N ASN A 280 22.35 8.36 13.57
CA ASN A 280 23.36 9.22 12.96
C ASN A 280 23.26 9.18 11.42
N ASN A 281 23.89 10.16 10.79
CA ASN A 281 23.91 10.37 9.36
C ASN A 281 24.73 9.34 8.59
N GLN A 282 25.70 8.69 9.22
CA GLN A 282 26.50 7.71 8.47
C GLN A 282 25.74 6.41 8.25
N ASP A 283 25.21 5.85 9.35
CA ASP A 283 24.49 4.58 9.36
C ASP A 283 23.13 4.68 8.76
N PHE A 285 19.00 4.48 8.73
CA PHE A 285 18.06 3.62 9.42
C PHE A 285 17.70 2.30 8.69
N GLN A 286 18.11 1.16 9.31
CA GLN A 286 17.85 -0.22 8.84
C GLN A 286 18.41 -0.44 7.41
N VAL A 287 19.58 0.16 7.07
CA VAL A 287 20.18 0.03 5.71
C VAL A 287 21.70 -0.33 5.72
N THR A 288 22.37 -0.16 6.86
CA THR A 288 23.81 -0.38 6.86
C THR A 288 24.15 -1.68 7.56
N GLN A 289 24.89 -2.57 6.86
CA GLN A 289 25.29 -3.86 7.40
C GLN A 289 26.10 -3.65 8.68
N GLY A 290 25.70 -4.38 9.73
CA GLY A 290 26.31 -4.30 11.06
C GLY A 290 25.61 -3.28 11.94
N LYS A 291 24.68 -2.46 11.34
CA LYS A 291 23.97 -1.42 12.09
C LYS A 291 22.45 -1.66 12.08
N VAL A 292 21.97 -2.67 11.34
CA VAL A 292 20.53 -2.96 11.28
C VAL A 292 20.08 -3.49 12.67
N ARG A 293 18.98 -2.96 13.20
CA ARG A 293 18.49 -3.33 14.52
C ARG A 293 17.49 -4.47 14.34
N GLU A 294 17.90 -5.66 14.81
CA GLU A 294 17.17 -6.91 14.67
C GLU A 294 15.86 -6.90 15.43
N GLY A 295 14.77 -7.25 14.74
CA GLY A 295 13.42 -7.34 15.30
C GLY A 295 12.87 -6.04 15.85
N LEU A 296 13.37 -4.90 15.37
CA LEU A 296 12.96 -3.59 15.83
C LEU A 296 11.49 -3.32 15.45
N PRO A 297 10.59 -3.06 16.45
CA PRO A 297 9.19 -2.73 16.11
C PRO A 297 9.15 -1.59 15.07
N LEU A 299 7.69 1.71 13.07
CA LEU A 299 6.84 2.90 13.28
C LEU A 299 5.64 2.78 12.33
N ARG A 300 4.42 2.75 12.90
CA ARG A 300 3.20 2.53 12.12
C ARG A 300 2.24 3.70 12.21
N ALA A 301 1.75 4.16 11.04
CA ALA A 301 0.61 5.07 10.97
C ALA A 301 -0.61 4.22 10.62
N GLU A 302 -1.70 4.36 11.38
CA GLU A 302 -2.91 3.60 11.12
C GLU A 302 -4.09 4.54 10.97
N VAL A 303 -4.81 4.42 9.84
CA VAL A 303 -5.93 5.32 9.52
C VAL A 303 -7.16 4.52 9.20
N ARG A 304 -8.23 4.80 9.92
CA ARG A 304 -9.55 4.24 9.68
C ARG A 304 -10.43 5.37 9.17
N LEU A 305 -10.96 5.24 7.95
CA LEU A 305 -11.87 6.24 7.39
C LEU A 305 -13.24 5.61 7.25
N ILE A 306 -14.25 6.16 7.96
CA ILE A 306 -15.61 5.63 7.98
C ILE A 306 -16.43 6.47 7.01
N GLY A 307 -16.98 5.78 6.02
CA GLY A 307 -17.79 6.41 4.98
C GLY A 307 -19.10 6.97 5.49
N LYS A 308 -19.58 8.06 4.85
CA LYS A 308 -20.85 8.72 5.15
C LYS A 308 -22.00 7.74 4.99
N GLU A 309 -22.89 7.74 5.94
CA GLU A 309 -24.08 6.88 5.91
C GLU A 309 -25.22 7.70 5.31
N GLY A 310 -26.21 7.03 4.74
CA GLY A 310 -27.39 7.68 4.19
C GLY A 310 -27.25 8.49 2.90
N LEU A 311 -26.12 8.32 2.18
CA LEU A 311 -25.92 8.97 0.88
C LEU A 311 -26.77 8.18 -0.12
N THR A 312 -27.38 8.84 -1.13
CA THR A 312 -28.29 8.08 -2.01
C THR A 312 -28.14 8.38 -3.53
N GLY A 313 -28.69 7.46 -4.33
CA GLY A 313 -28.75 7.54 -5.79
C GLY A 313 -27.42 7.38 -6.50
N ALA A 314 -27.17 8.30 -7.47
CA ALA A 314 -25.96 8.35 -8.29
C ALA A 314 -24.71 8.58 -7.42
N GLU A 315 -24.80 9.52 -6.46
CA GLU A 315 -23.74 9.91 -5.51
C GLU A 315 -23.35 8.73 -4.58
N ARG A 316 -24.32 7.86 -4.23
CA ARG A 316 -24.06 6.68 -3.40
C ARG A 316 -23.22 5.67 -4.19
N ASP A 317 -23.57 5.48 -5.48
CA ASP A 317 -22.85 4.60 -6.39
C ASP A 317 -21.45 5.12 -6.59
N ALA A 318 -21.31 6.48 -6.62
CA ALA A 318 -20.03 7.18 -6.76
C ALA A 318 -19.15 6.97 -5.53
N GLN A 319 -19.77 6.97 -4.32
CA GLN A 319 -19.08 6.78 -3.05
C GLN A 319 -18.50 5.37 -2.92
N LEU A 320 -19.33 4.35 -3.19
CA LEU A 320 -18.97 2.95 -3.12
C LEU A 320 -17.85 2.66 -4.13
N ALA A 321 -17.94 3.27 -5.32
CA ALA A 321 -16.93 3.12 -6.37
C ALA A 321 -15.61 3.78 -5.92
N ALA A 322 -15.67 4.96 -5.24
CA ALA A 322 -14.50 5.67 -4.72
C ALA A 322 -13.72 4.83 -3.69
N PHE A 323 -14.43 4.14 -2.76
CA PHE A 323 -13.78 3.25 -1.79
C PHE A 323 -13.21 2.02 -2.49
N ARG A 324 -13.96 1.45 -3.45
CA ARG A 324 -13.56 0.23 -4.16
C ARG A 324 -12.35 0.44 -5.07
N GLU A 325 -12.34 1.54 -5.83
CA GLU A 325 -11.29 1.91 -6.77
C GLU A 325 -9.95 2.17 -6.08
N LEU A 326 -9.93 2.43 -4.76
CA LEU A 326 -8.64 2.60 -4.07
C LEU A 326 -7.89 1.26 -4.01
N ILE A 327 -8.62 0.13 -3.96
CA ILE A 327 -7.98 -1.19 -3.96
C ILE A 327 -7.82 -1.69 -5.40
N LEU A 328 -8.90 -1.57 -6.20
CA LEU A 328 -8.93 -2.10 -7.56
C LEU A 328 -7.94 -1.35 -8.47
N ASP A 329 -8.03 -0.02 -8.52
CA ASP A 329 -7.12 0.76 -9.38
C ASP A 329 -5.82 1.14 -8.64
N THR A 330 -4.70 0.51 -9.05
CA THR A 330 -3.38 0.77 -8.46
C THR A 330 -3.00 2.26 -8.57
N ASN A 331 -3.48 2.96 -9.64
CA ASN A 331 -3.18 4.37 -9.92
C ASN A 331 -3.87 5.33 -8.95
N ARG A 332 -4.80 4.86 -8.11
CA ARG A 332 -5.47 5.69 -7.10
C ARG A 332 -4.65 5.75 -5.77
N GLN A 333 -3.66 4.87 -5.62
CA GLN A 333 -2.82 4.85 -4.44
C GLN A 333 -1.60 5.68 -4.76
N ASN A 334 -1.74 6.99 -4.61
CA ASN A 334 -0.67 7.90 -4.98
C ASN A 334 0.29 8.12 -3.80
N PHE A 335 1.22 7.18 -3.64
CA PHE A 335 2.26 7.22 -2.61
C PHE A 335 3.30 8.29 -2.91
N PHE A 336 3.90 8.84 -1.86
CA PHE A 336 4.91 9.89 -2.01
C PHE A 336 5.77 10.00 -0.77
N ILE A 337 6.89 10.72 -0.91
CA ILE A 337 7.77 11.09 0.17
C ILE A 337 8.08 12.59 0.08
N LYS A 338 8.49 13.16 1.22
CA LYS A 338 9.02 14.52 1.28
C LYS A 338 10.42 14.47 1.87
N VAL A 339 11.26 15.37 1.39
CA VAL A 339 12.63 15.50 1.86
C VAL A 339 12.76 16.89 2.46
N ASN A 340 13.74 17.06 3.36
CA ASN A 340 14.03 18.32 4.06
C ASN A 340 13.91 19.52 3.11
N GLY A 341 13.08 20.48 3.45
CA GLY A 341 12.84 21.62 2.58
C GLY A 341 11.47 21.59 1.92
N GLY A 342 10.79 20.43 1.94
CA GLY A 342 9.44 20.31 1.41
C GLY A 342 9.28 19.78 -0.01
N LYS A 343 10.39 19.38 -0.66
CA LYS A 343 10.34 18.77 -1.98
C LYS A 343 9.57 17.43 -1.87
N GLU A 344 8.57 17.24 -2.72
CA GLU A 344 7.67 16.10 -2.75
C GLU A 344 7.97 15.22 -3.95
N ILE A 345 8.19 13.92 -3.72
CA ILE A 345 8.52 12.95 -4.76
C ILE A 345 7.42 11.89 -4.85
N HIS A 346 6.93 11.60 -6.05
CA HIS A 346 5.93 10.55 -6.31
C HIS A 346 6.57 9.54 -7.28
N ARG A 348 6.68 7.36 -10.96
CA ARG A 348 6.43 7.74 -12.35
C ARG A 348 4.94 7.72 -12.69
N GLY A 349 4.48 8.80 -13.30
CA GLY A 349 3.11 8.94 -13.77
C GLY A 349 2.12 9.40 -12.71
N TYR A 350 2.60 9.63 -11.47
CA TYR A 350 1.74 10.05 -10.35
C TYR A 350 1.91 11.53 -10.08
N ALA A 351 0.78 12.23 -9.93
CA ALA A 351 0.70 13.68 -9.77
C ALA A 351 1.19 14.18 -8.41
N PRO A 352 1.77 15.38 -8.37
CA PRO A 352 2.07 16.00 -7.07
C PRO A 352 0.75 16.31 -6.36
N THR A 353 0.78 16.56 -5.04
CA THR A 353 -0.45 16.99 -4.38
C THR A 353 -0.79 18.38 -4.93
N SER A 354 -2.05 18.83 -4.81
CA SER A 354 -2.49 20.20 -5.22
C SER A 354 -1.62 21.28 -4.58
N ALA A 355 -1.20 21.08 -3.32
CA ALA A 355 -0.37 22.05 -2.57
C ALA A 355 1.02 22.17 -3.19
N TYR A 356 1.57 21.05 -3.67
CA TYR A 356 2.90 21.07 -4.25
C TYR A 356 2.90 21.36 -5.75
N LYS A 357 1.71 21.25 -6.40
CA LYS A 357 1.55 21.37 -7.85
C LYS A 357 2.33 22.56 -8.48
N ALA A 358 2.17 23.76 -7.91
CA ALA A 358 2.82 24.99 -8.43
C ALA A 358 4.35 24.85 -8.35
N GLU A 359 4.87 24.36 -7.21
CA GLU A 359 6.32 24.17 -7.00
C GLU A 359 6.86 23.15 -8.00
N TYR A 360 6.13 22.03 -8.22
CA TYR A 360 6.52 20.96 -9.13
C TYR A 360 6.73 21.52 -10.51
N GLU A 361 5.75 22.30 -11.00
CA GLU A 361 5.78 22.92 -12.33
C GLU A 361 6.93 23.90 -12.46
N ALA A 362 7.20 24.72 -11.43
CA ALA A 362 8.29 25.70 -11.45
C ALA A 362 9.67 25.02 -11.50
N LEU A 363 9.81 23.90 -10.78
CA LEU A 363 11.02 23.08 -10.66
C LEU A 363 11.35 22.35 -11.95
N VAL A 364 10.35 21.70 -12.56
CA VAL A 364 10.59 20.89 -13.77
C VAL A 364 10.72 21.75 -15.05
N ALA A 365 10.23 23.02 -15.02
CA ALA A 365 10.15 23.92 -16.18
C ALA A 365 11.46 24.02 -16.98
N GLY A 366 12.57 24.31 -16.31
CA GLY A 366 13.84 24.43 -17.03
C GLY A 366 14.68 23.19 -17.18
N ASP A 367 14.18 22.01 -16.76
CA ASP A 367 14.95 20.77 -16.75
C ASP A 367 14.76 19.88 -18.00
N THR A 368 15.80 19.87 -18.84
CA THR A 368 15.85 19.13 -20.09
C THR A 368 15.93 17.63 -19.88
N THR A 369 16.39 17.17 -18.68
CA THR A 369 16.55 15.75 -18.32
C THR A 369 15.20 15.11 -17.93
N LEU A 370 14.15 15.92 -17.69
CA LEU A 370 12.85 15.40 -17.26
C LEU A 370 11.82 15.36 -18.38
N ASP A 371 11.00 14.30 -18.43
CA ASP A 371 9.94 14.13 -19.42
C ASP A 371 8.84 15.13 -19.07
N ALA A 372 8.50 16.04 -19.99
CA ALA A 372 7.49 17.08 -19.74
C ALA A 372 6.06 16.54 -19.76
N ASN A 373 5.87 15.32 -20.32
CA ASN A 373 4.56 14.70 -20.50
C ASN A 373 4.24 13.61 -19.50
N VAL A 374 5.23 13.19 -18.72
CA VAL A 374 5.05 12.16 -17.69
C VAL A 374 5.52 12.72 -16.33
N TYR A 375 4.67 12.59 -15.28
CA TYR A 375 5.07 13.05 -13.93
C TYR A 375 6.25 12.25 -13.39
N TYR A 376 7.19 12.93 -12.69
CA TYR A 376 8.34 12.35 -12.01
C TYR A 376 9.09 11.26 -12.83
N SER A 377 9.51 11.60 -14.05
CA SER A 377 10.22 10.62 -14.87
C SER A 377 11.23 11.28 -15.74
N ASN A 378 12.46 10.69 -15.85
CA ASN A 378 13.46 11.29 -16.74
C ASN A 378 13.04 11.03 -18.21
N THR A 379 13.76 11.59 -19.19
CA THR A 379 13.39 11.48 -20.62
C THR A 379 13.49 10.02 -21.15
N LYS A 380 14.11 9.11 -20.37
CA LYS A 380 14.27 7.70 -20.74
C LYS A 380 13.34 6.76 -19.93
N GLY A 381 12.24 7.31 -19.39
CA GLY A 381 11.21 6.57 -18.67
C GLY A 381 11.59 6.05 -17.29
N SER A 382 12.48 6.78 -16.60
CA SER A 382 12.90 6.38 -15.25
C SER A 382 11.83 6.62 -14.22
N THR A 383 12.06 6.07 -13.03
CA THR A 383 11.21 6.30 -11.87
C THR A 383 12.10 6.53 -10.64
N TRP A 384 11.56 7.28 -9.66
CA TRP A 384 12.19 7.53 -8.38
C TRP A 384 11.49 6.71 -7.28
N GLY A 385 10.53 5.88 -7.68
CA GLY A 385 9.80 5.01 -6.75
C GLY A 385 9.15 3.81 -7.41
N VAL A 386 9.09 2.70 -6.67
CA VAL A 386 8.45 1.45 -7.11
C VAL A 386 7.56 0.88 -6.00
N LYS A 387 6.48 0.21 -6.40
CA LYS A 387 5.54 -0.43 -5.48
C LYS A 387 5.58 -1.91 -5.77
N LEU A 388 6.00 -2.67 -4.76
CA LEU A 388 6.32 -4.09 -4.90
C LEU A 388 5.53 -5.02 -3.99
N PRO A 389 5.54 -6.36 -4.23
CA PRO A 389 4.93 -7.29 -3.26
C PRO A 389 5.52 -7.06 -1.88
N VAL A 390 4.68 -7.15 -0.85
CA VAL A 390 5.00 -6.74 0.54
C VAL A 390 6.27 -7.43 1.09
N GLY A 391 6.50 -8.68 0.74
CA GLY A 391 7.68 -9.39 1.21
C GLY A 391 9.01 -8.98 0.58
N THR A 392 9.00 -8.09 -0.44
CA THR A 392 10.25 -7.72 -1.15
C THR A 392 11.19 -6.98 -0.22
N ARG A 393 12.43 -7.51 -0.14
CA ARG A 393 13.51 -6.95 0.71
C ARG A 393 14.18 -5.76 0.06
N HIS A 394 14.60 -4.78 0.86
CA HIS A 394 15.30 -3.62 0.32
C HIS A 394 16.81 -3.88 0.31
N ALA A 395 17.54 -3.09 -0.47
CA ALA A 395 18.99 -3.17 -0.62
C ALA A 395 19.73 -2.52 0.52
N TYR A 396 20.97 -3.01 0.76
CA TYR A 396 21.91 -2.40 1.71
C TYR A 396 22.30 -1.04 1.12
N GLU A 397 22.68 -0.09 1.98
CA GLU A 397 23.05 1.26 1.54
C GLU A 397 24.12 1.25 0.46
N ARG A 398 23.88 2.05 -0.62
CA ARG A 398 24.75 2.24 -1.79
C ARG A 398 24.92 0.98 -2.65
N VAL A 399 24.12 -0.07 -2.39
CA VAL A 399 24.15 -1.26 -3.26
C VAL A 399 23.18 -0.97 -4.43
N PRO A 400 23.65 -1.01 -5.71
CA PRO A 400 22.73 -0.76 -6.83
C PRO A 400 21.54 -1.71 -6.81
N PHE A 401 20.31 -1.20 -6.99
CA PHE A 401 19.07 -2.01 -6.97
C PHE A 401 19.17 -3.21 -7.95
N ARG A 402 19.67 -2.99 -9.19
CA ARG A 402 19.86 -4.01 -10.23
C ARG A 402 20.85 -5.14 -9.76
N GLU A 403 21.73 -4.88 -8.77
CA GLU A 403 22.65 -5.89 -8.21
C GLU A 403 21.95 -6.69 -7.12
N ALA A 404 21.08 -6.05 -6.31
CA ALA A 404 20.25 -6.74 -5.31
C ALA A 404 19.22 -7.62 -6.02
N TYR A 405 18.70 -7.15 -7.19
CA TYR A 405 17.72 -7.86 -8.01
C TYR A 405 18.26 -8.05 -9.44
N PRO A 406 18.97 -9.19 -9.74
CA PRO A 406 19.58 -9.36 -11.09
C PRO A 406 18.59 -9.49 -12.26
N ASP A 407 17.31 -9.78 -12.01
CA ASP A 407 16.33 -9.88 -13.10
C ASP A 407 15.50 -8.58 -13.27
N PHE A 408 15.78 -7.54 -12.44
CA PHE A 408 15.05 -6.26 -12.47
C PHE A 408 15.13 -5.60 -13.85
N THR A 409 16.35 -5.36 -14.40
CA THR A 409 16.47 -4.66 -15.70
C THR A 409 15.82 -5.45 -16.83
N LYS A 410 15.82 -6.78 -16.73
CA LYS A 410 15.16 -7.65 -17.73
C LYS A 410 13.66 -7.32 -17.79
N TRP A 411 13.03 -7.16 -16.63
CA TRP A 411 11.62 -6.78 -16.51
C TRP A 411 11.42 -5.33 -16.97
N VAL A 412 12.28 -4.40 -16.49
CA VAL A 412 12.19 -2.98 -16.88
C VAL A 412 12.29 -2.86 -18.41
N ASP A 413 13.38 -3.36 -19.00
CA ASP A 413 13.69 -3.18 -20.42
C ASP A 413 12.75 -3.95 -21.34
N SER A 414 12.08 -5.02 -20.85
CA SER A 414 11.06 -5.71 -21.64
C SER A 414 9.69 -5.05 -21.40
N LYS A 415 9.67 -4.01 -20.57
CA LYS A 415 8.46 -3.28 -20.18
C LYS A 415 7.42 -4.23 -19.56
N GLY A 416 7.89 -5.04 -18.62
CA GLY A 416 7.07 -5.96 -17.85
C GLY A 416 6.62 -7.22 -18.55
N VAL A 417 7.21 -7.52 -19.70
CA VAL A 417 6.83 -8.70 -20.48
C VAL A 417 7.58 -9.94 -19.94
N SER A 418 8.83 -9.75 -19.48
CA SER A 418 9.63 -10.86 -18.99
C SER A 418 9.96 -10.68 -17.54
N ASN A 419 10.31 -11.80 -16.87
CA ASN A 419 10.74 -11.81 -15.47
C ASN A 419 9.79 -11.03 -14.58
N GLN A 420 8.49 -11.35 -14.69
CA GLN A 420 7.43 -10.69 -13.92
C GLN A 420 7.58 -10.96 -12.45
N LYS A 421 8.26 -12.05 -12.10
CA LYS A 421 8.56 -12.43 -10.71
C LYS A 421 10.03 -12.13 -10.38
N TRP A 422 10.57 -11.05 -10.94
CA TRP A 422 11.94 -10.62 -10.73
C TRP A 422 12.26 -10.40 -9.24
N TYR A 423 11.26 -9.91 -8.46
CA TYR A 423 11.35 -9.57 -7.02
C TYR A 423 11.58 -10.81 -6.15
N GLU A 424 11.28 -12.01 -6.68
CA GLU A 424 11.52 -13.28 -6.00
C GLU A 424 13.01 -13.65 -6.08
N ASN A 425 13.76 -13.06 -7.03
CA ASN A 425 15.17 -13.40 -7.21
C ASN A 425 16.07 -12.34 -6.59
N PHE A 426 16.18 -12.34 -5.26
CA PHE A 426 17.03 -11.36 -4.56
C PHE A 426 18.34 -12.00 -4.19
N VAL A 427 19.39 -11.19 -4.03
CA VAL A 427 20.70 -11.67 -3.59
C VAL A 427 20.75 -11.38 -2.10
N ASP A 428 20.89 -12.45 -1.27
CA ASP A 428 20.91 -12.35 0.17
C ASP A 428 21.91 -11.28 0.67
N GLU A 429 23.19 -11.37 0.24
CA GLU A 429 24.25 -10.46 0.73
C GLU A 429 24.02 -8.97 0.33
N LYS A 430 23.05 -8.69 -0.59
CA LYS A 430 22.79 -7.33 -1.08
C LYS A 430 21.47 -6.79 -0.55
N THR A 431 20.72 -7.61 0.23
CA THR A 431 19.42 -7.17 0.72
C THR A 431 19.27 -7.39 2.20
N ILE A 432 18.30 -6.71 2.79
CA ILE A 432 17.99 -6.74 4.23
C ILE A 432 16.61 -7.29 4.50
N ARG A 433 16.54 -8.07 5.57
CA ARG A 433 15.37 -8.57 6.29
C ARG A 433 15.73 -8.56 7.77
N TYR A 434 15.02 -7.78 8.60
CA TYR A 434 15.28 -7.76 10.05
C TYR A 434 14.04 -8.19 10.84
N TRP A 435 12.93 -8.47 10.13
CA TRP A 435 11.60 -8.80 10.65
C TRP A 435 11.18 -10.24 10.30
#